data_5JRR
#
_entry.id   5JRR
#
_cell.length_a   93.400
_cell.length_b   109.790
_cell.length_c   96.420
_cell.angle_alpha   90.000
_cell.angle_beta   90.000
_cell.angle_gamma   90.000
#
_symmetry.space_group_name_H-M   'C 2 2 21'
#
loop_
_entity.id
_entity.type
_entity.pdbx_description
1 polymer Laccase
2 non-polymer 'COPPER (II) ION'
3 non-polymer (4S)-2-METHYL-2,4-PENTANEDIOL
4 non-polymer (4R)-2-METHYLPENTANE-2,4-DIOL
5 non-polymer 'OXYGEN MOLECULE'
6 water water
#
_entity_poly.entity_id   1
_entity_poly.type   'polypeptide(L)'
_entity_poly.pdbx_seq_one_letter_code
;GPSFPEPKVVRSQGGLLSLKLSATPTPLAIAGQRATLLTYGGSFPGPTLRVRPRDTVRLTLENRLPEPTNLHWHGLPISP
KVDDPFLEIPPGESWTYEFTVPKELAGTFWYHPHLHGRVAPQLFAGLLGALVVESSLDAIPELREAEEHLLVLKDLALQG
GRPAPHTPMDWMNGKEGDLVLVNGALRPTLVAQKATLRLRLLNASNARYYRLALQDHPLYLIAADGGFLEEPLEVSELLL
APGERAEVLVRLRKEGRFLLQALPYDRGAMGMMDMGGMAHAMPQGPSRPETLLYLIAPKNPKPLPLPKALSPFPTLPAPV
VTRRLVLTEDMMAARFFINGQVFDHRRVDLKGQAQTVEVWEVENQGDMDHPFHLHVHPFQVLSVGGRPFPYRAWKDVVNL
KAGEVARLLVPLREKGRTVFHCHIVEHEDRGMMGVLEVG
;
_entity_poly.pdbx_strand_id   A
#
# COMPACT_ATOMS: atom_id res chain seq x y z
N GLY A 1 17.20 -18.60 -8.48
CA GLY A 1 16.49 -19.66 -9.18
C GLY A 1 15.62 -19.11 -10.30
N PRO A 2 14.36 -18.80 -9.97
N PRO A 2 14.37 -18.78 -9.98
CA PRO A 2 13.45 -18.25 -11.00
CA PRO A 2 13.49 -18.20 -10.99
C PRO A 2 13.89 -16.84 -11.40
C PRO A 2 14.00 -16.84 -11.42
N SER A 3 13.91 -16.60 -12.71
N SER A 3 13.90 -16.57 -12.73
CA SER A 3 14.36 -15.31 -13.22
CA SER A 3 14.35 -15.29 -13.25
C SER A 3 13.64 -14.14 -12.56
C SER A 3 13.62 -14.12 -12.60
N PHE A 4 12.40 -14.35 -12.10
CA PHE A 4 11.67 -13.29 -11.43
C PHE A 4 11.62 -13.52 -9.92
N PRO A 5 12.30 -12.69 -9.15
CA PRO A 5 12.21 -12.80 -7.69
C PRO A 5 10.86 -12.33 -7.17
N GLU A 6 10.33 -13.07 -6.21
CA GLU A 6 9.03 -12.82 -5.63
C GLU A 6 9.14 -13.33 -4.20
N PRO A 7 8.54 -12.65 -3.22
CA PRO A 7 8.64 -13.13 -1.84
C PRO A 7 8.12 -14.56 -1.72
N LYS A 8 8.73 -15.31 -0.81
N LYS A 8 8.73 -15.31 -0.81
CA LYS A 8 8.23 -16.65 -0.48
CA LYS A 8 8.22 -16.65 -0.49
C LYS A 8 6.79 -16.55 0.01
C LYS A 8 6.79 -16.56 0.01
N VAL A 9 5.97 -17.53 -0.39
CA VAL A 9 4.56 -17.57 -0.04
C VAL A 9 4.34 -18.57 1.09
N VAL A 10 3.66 -18.13 2.14
CA VAL A 10 3.15 -19.00 3.18
C VAL A 10 1.64 -19.07 3.04
N ARG A 11 1.10 -20.28 2.95
CA ARG A 11 -0.31 -20.51 2.70
C ARG A 11 -0.98 -21.06 3.94
N SER A 12 -2.26 -20.77 4.10
N SER A 12 -2.28 -20.79 4.08
CA SER A 12 -3.00 -21.42 5.16
CA SER A 12 -3.05 -21.43 5.12
C SER A 12 -3.14 -22.91 4.84
C SER A 12 -3.19 -22.92 4.83
N GLN A 13 -3.23 -23.72 5.89
CA GLN A 13 -3.33 -25.17 5.77
C GLN A 13 -4.60 -25.61 6.50
N GLY A 14 -5.54 -26.15 5.75
CA GLY A 14 -6.78 -26.60 6.37
C GLY A 14 -7.52 -25.48 7.08
N GLY A 15 -7.53 -24.29 6.48
CA GLY A 15 -8.22 -23.15 7.05
C GLY A 15 -7.50 -22.43 8.16
N LEU A 16 -6.21 -22.70 8.35
CA LEU A 16 -5.47 -22.04 9.42
C LEU A 16 -4.08 -21.65 8.95
N LEU A 17 -3.75 -20.37 9.13
N LEU A 17 -3.75 -20.36 9.10
CA LEU A 17 -2.39 -19.86 8.89
CA LEU A 17 -2.38 -19.89 8.89
C LEU A 17 -1.79 -19.53 10.26
C LEU A 17 -1.81 -19.54 10.26
N SER A 18 -0.97 -20.44 10.78
CA SER A 18 -0.31 -20.27 12.07
C SER A 18 1.17 -20.07 11.81
N LEU A 19 1.69 -18.89 12.16
CA LEU A 19 3.06 -18.55 11.78
C LEU A 19 3.70 -17.69 12.86
N LYS A 20 4.96 -17.93 13.15
N LYS A 20 4.96 -17.96 13.17
CA LYS A 20 5.72 -17.13 14.10
CA LYS A 20 5.76 -17.11 14.05
C LYS A 20 6.80 -16.35 13.35
C LYS A 20 6.74 -16.32 13.19
N LEU A 21 6.61 -15.03 13.23
N LEU A 21 6.71 -15.00 13.34
CA LEU A 21 7.55 -14.15 12.56
CA LEU A 21 7.52 -14.10 12.53
C LEU A 21 8.34 -13.33 13.57
C LEU A 21 8.25 -13.12 13.43
N SER A 22 9.57 -13.00 13.22
N SER A 22 9.57 -13.04 13.28
CA SER A 22 10.42 -12.14 14.03
CA SER A 22 10.37 -12.12 14.07
C SER A 22 10.80 -10.91 13.21
C SER A 22 10.78 -10.92 13.22
N ALA A 23 10.67 -9.73 13.81
CA ALA A 23 11.21 -8.50 13.23
C ALA A 23 12.62 -8.37 13.79
N THR A 24 13.62 -8.48 12.93
N THR A 24 13.62 -8.39 12.89
CA THR A 24 14.99 -8.51 13.42
CA THR A 24 15.00 -8.63 13.27
C THR A 24 15.94 -7.94 12.38
C THR A 24 15.91 -7.86 12.32
N PRO A 25 17.01 -7.28 12.81
CA PRO A 25 18.05 -6.82 11.88
C PRO A 25 18.70 -8.02 11.22
N THR A 26 18.76 -7.98 9.90
N THR A 26 18.74 -8.03 9.89
CA THR A 26 19.08 -9.16 9.09
CA THR A 26 19.34 -9.17 9.21
C THR A 26 20.13 -8.79 8.03
C THR A 26 20.27 -8.74 8.10
N PRO A 27 21.30 -9.43 8.04
N PRO A 27 21.50 -9.23 8.07
CA PRO A 27 22.23 -9.26 6.91
CA PRO A 27 22.36 -9.01 6.92
C PRO A 27 21.70 -9.93 5.66
C PRO A 27 21.89 -9.84 5.73
N LEU A 28 21.64 -9.17 4.57
N LEU A 28 21.77 -9.19 4.58
CA LEU A 28 21.09 -9.66 3.31
CA LEU A 28 21.31 -9.89 3.38
C LEU A 28 21.99 -9.25 2.16
C LEU A 28 21.98 -9.26 2.16
N ALA A 29 21.75 -9.88 1.01
CA ALA A 29 22.25 -9.39 -0.26
C ALA A 29 21.08 -8.70 -0.96
N ILE A 30 21.23 -7.42 -1.25
N ILE A 30 21.22 -7.42 -1.26
CA ILE A 30 20.20 -6.64 -1.90
CA ILE A 30 20.17 -6.67 -1.92
C ILE A 30 20.84 -5.80 -2.99
C ILE A 30 20.81 -5.77 -2.97
N ALA A 31 20.30 -5.86 -4.20
CA ALA A 31 20.79 -5.04 -5.32
C ALA A 31 22.30 -5.18 -5.51
N GLY A 32 22.78 -6.42 -5.43
CA GLY A 32 24.19 -6.69 -5.65
C GLY A 32 25.11 -6.26 -4.53
N GLN A 33 24.57 -5.97 -3.35
N GLN A 33 24.57 -5.89 -3.37
CA GLN A 33 25.32 -5.38 -2.25
CA GLN A 33 25.43 -5.46 -2.27
C GLN A 33 24.87 -6.03 -0.94
C GLN A 33 24.91 -6.04 -0.96
N ARG A 34 25.81 -6.20 -0.02
CA ARG A 34 25.47 -6.66 1.32
C ARG A 34 24.97 -5.49 2.15
N ALA A 35 23.92 -5.75 2.94
CA ALA A 35 23.30 -4.71 3.73
C ALA A 35 22.55 -5.36 4.88
N THR A 36 22.46 -4.65 5.99
CA THR A 36 21.66 -5.08 7.13
C THR A 36 20.35 -4.29 7.12
N LEU A 37 19.26 -5.00 6.90
N LEU A 37 19.26 -5.00 6.90
N LEU A 37 19.25 -5.00 6.89
CA LEU A 37 17.92 -4.42 6.89
CA LEU A 37 17.92 -4.42 6.89
CA LEU A 37 17.92 -4.41 6.89
C LEU A 37 17.12 -4.96 8.08
C LEU A 37 17.11 -4.98 8.05
C LEU A 37 17.13 -4.96 8.07
N LEU A 38 16.00 -4.31 8.35
CA LEU A 38 15.03 -4.80 9.33
C LEU A 38 14.01 -5.61 8.55
N THR A 39 13.86 -6.89 8.88
CA THR A 39 12.97 -7.74 8.11
C THR A 39 12.04 -8.52 9.02
N TYR A 40 10.93 -8.93 8.44
CA TYR A 40 10.10 -9.99 8.95
C TYR A 40 10.48 -11.30 8.28
N GLY A 41 10.60 -12.36 9.06
CA GLY A 41 10.93 -13.65 8.50
C GLY A 41 12.28 -13.70 7.82
N GLY A 42 13.20 -12.80 8.15
CA GLY A 42 14.53 -12.86 7.58
C GLY A 42 14.64 -12.48 6.12
N SER A 43 13.62 -11.87 5.53
CA SER A 43 13.63 -11.60 4.10
C SER A 43 13.11 -10.20 3.81
N PHE A 44 13.54 -9.65 2.67
CA PHE A 44 13.00 -8.40 2.19
C PHE A 44 12.52 -8.52 0.75
N PRO A 45 11.21 -8.35 0.49
CA PRO A 45 10.12 -8.16 1.47
C PRO A 45 9.93 -9.35 2.40
N GLY A 46 9.10 -9.18 3.42
CA GLY A 46 8.72 -10.30 4.25
C GLY A 46 7.92 -11.28 3.42
N PRO A 47 7.63 -12.46 3.98
CA PRO A 47 6.91 -13.46 3.19
C PRO A 47 5.49 -13.03 2.86
N THR A 48 5.03 -13.47 1.69
CA THR A 48 3.63 -13.29 1.33
C THR A 48 2.79 -14.32 2.06
N LEU A 49 1.76 -13.85 2.75
CA LEU A 49 0.79 -14.71 3.40
C LEU A 49 -0.41 -14.81 2.47
N ARG A 50 -0.71 -16.01 2.02
N ARG A 50 -0.71 -16.01 2.02
CA ARG A 50 -1.83 -16.26 1.12
CA ARG A 50 -1.83 -16.27 1.12
C ARG A 50 -2.90 -17.02 1.88
C ARG A 50 -2.90 -17.02 1.90
N VAL A 51 -4.09 -16.43 1.98
CA VAL A 51 -5.19 -16.94 2.78
C VAL A 51 -6.47 -16.93 1.93
N ARG A 52 -7.53 -17.46 2.52
N ARG A 52 -7.53 -17.47 2.52
CA ARG A 52 -8.87 -17.53 1.94
CA ARG A 52 -8.86 -17.50 1.93
C ARG A 52 -9.88 -16.99 2.94
C ARG A 52 -9.85 -16.93 2.93
N PRO A 53 -11.00 -16.45 2.45
CA PRO A 53 -12.03 -15.97 3.39
C PRO A 53 -12.41 -17.06 4.37
N ARG A 54 -12.66 -16.65 5.62
N ARG A 54 -12.67 -16.66 5.61
CA ARG A 54 -13.03 -17.49 6.75
CA ARG A 54 -13.04 -17.52 6.74
C ARG A 54 -11.87 -18.33 7.26
C ARG A 54 -11.85 -18.30 7.30
N ASP A 55 -10.67 -18.20 6.69
CA ASP A 55 -9.48 -18.76 7.32
C ASP A 55 -9.24 -18.10 8.67
N THR A 56 -8.57 -18.81 9.56
CA THR A 56 -8.08 -18.24 10.80
C THR A 56 -6.61 -17.89 10.60
N VAL A 57 -6.23 -16.68 10.99
CA VAL A 57 -4.84 -16.27 10.94
C VAL A 57 -4.36 -16.12 12.37
N ARG A 58 -3.29 -16.84 12.70
CA ARG A 58 -2.66 -16.78 14.02
C ARG A 58 -1.20 -16.41 13.78
N LEU A 59 -0.85 -15.14 13.96
N LEU A 59 -0.85 -15.14 13.96
CA LEU A 59 0.48 -14.62 13.65
CA LEU A 59 0.48 -14.62 13.65
C LEU A 59 1.13 -14.10 14.93
C LEU A 59 1.13 -14.10 14.93
N THR A 60 2.14 -14.81 15.40
CA THR A 60 2.92 -14.38 16.55
C THR A 60 4.11 -13.57 16.05
N LEU A 61 4.12 -12.27 16.37
CA LEU A 61 5.22 -11.40 16.02
C LEU A 61 6.16 -11.30 17.22
N GLU A 62 7.39 -11.76 17.06
CA GLU A 62 8.45 -11.56 18.03
C GLU A 62 9.24 -10.33 17.64
N ASN A 63 9.40 -9.40 18.58
CA ASN A 63 10.13 -8.17 18.31
C ASN A 63 11.59 -8.35 18.74
N ARG A 64 12.49 -8.50 17.76
CA ARG A 64 13.92 -8.54 18.00
C ARG A 64 14.62 -7.26 17.54
N LEU A 65 13.88 -6.14 17.53
CA LEU A 65 14.42 -4.81 17.28
C LEU A 65 14.83 -4.15 18.58
N PRO A 66 15.73 -3.17 18.53
CA PRO A 66 16.07 -2.41 19.73
C PRO A 66 15.04 -1.37 20.14
N GLU A 67 13.89 -1.33 19.48
CA GLU A 67 12.83 -0.38 19.80
C GLU A 67 11.49 -1.08 19.70
N PRO A 68 10.46 -0.53 20.32
CA PRO A 68 9.14 -1.17 20.23
C PRO A 68 8.58 -1.08 18.81
N THR A 69 7.66 -2.00 18.51
CA THR A 69 7.05 -2.06 17.20
C THR A 69 5.66 -2.65 17.36
N ASN A 70 4.90 -2.68 16.26
CA ASN A 70 3.65 -3.41 16.22
C ASN A 70 3.35 -3.70 14.76
N LEU A 71 2.16 -4.24 14.49
N LEU A 71 2.19 -4.33 14.51
CA LEU A 71 1.77 -4.67 13.16
CA LEU A 71 1.75 -4.65 13.16
C LEU A 71 0.44 -4.03 12.78
C LEU A 71 0.47 -3.90 12.84
N HIS A 72 0.38 -3.40 11.62
CA HIS A 72 -0.86 -2.94 11.04
C HIS A 72 -1.22 -3.89 9.90
N TRP A 73 -2.44 -4.41 9.93
CA TRP A 73 -2.93 -5.30 8.88
C TRP A 73 -3.61 -4.43 7.84
N HIS A 74 -2.80 -3.77 7.02
CA HIS A 74 -3.29 -2.67 6.19
C HIS A 74 -4.34 -3.15 5.22
N GLY A 75 -5.52 -2.52 5.28
CA GLY A 75 -6.61 -2.83 4.39
C GLY A 75 -7.58 -3.89 4.87
N LEU A 76 -7.25 -4.63 5.93
N LEU A 76 -7.25 -4.62 5.94
CA LEU A 76 -8.11 -5.73 6.37
CA LEU A 76 -8.10 -5.70 6.41
C LEU A 76 -9.24 -5.21 7.24
C LEU A 76 -9.23 -5.16 7.27
N PRO A 77 -10.46 -5.36 6.85
N PRO A 77 -10.49 -5.38 6.89
CA PRO A 77 -11.57 -4.91 7.70
CA PRO A 77 -11.62 -4.91 7.73
C PRO A 77 -11.80 -5.88 8.85
C PRO A 77 -11.88 -5.84 8.91
N ILE A 78 -10.91 -5.85 9.82
N ILE A 78 -10.91 -5.89 9.81
CA ILE A 78 -11.03 -6.68 11.02
CA ILE A 78 -11.03 -6.69 11.03
C ILE A 78 -11.14 -5.76 12.23
C ILE A 78 -11.20 -5.76 12.23
N SER A 79 -11.25 -6.34 13.42
CA SER A 79 -11.48 -5.52 14.61
C SER A 79 -10.24 -4.70 14.95
N PRO A 80 -10.42 -3.42 15.32
CA PRO A 80 -9.28 -2.64 15.81
C PRO A 80 -8.79 -3.11 17.17
N LYS A 81 -9.50 -4.02 17.84
CA LYS A 81 -8.93 -4.69 18.99
C LYS A 81 -7.86 -5.70 18.59
N VAL A 82 -7.88 -6.18 17.35
CA VAL A 82 -6.82 -7.03 16.80
C VAL A 82 -5.82 -6.18 16.07
N ASP A 83 -6.26 -5.48 15.02
CA ASP A 83 -5.44 -4.53 14.29
C ASP A 83 -5.33 -3.25 15.12
N ASP A 84 -4.54 -3.35 16.20
CA ASP A 84 -4.54 -2.32 17.24
C ASP A 84 -3.41 -1.32 16.98
N PRO A 85 -3.71 -0.10 16.51
CA PRO A 85 -2.64 0.84 16.19
C PRO A 85 -1.95 1.44 17.41
N PHE A 86 -2.49 1.22 18.62
CA PHE A 86 -1.90 1.79 19.82
C PHE A 86 -1.05 0.79 20.60
N LEU A 87 -1.07 -0.48 20.19
CA LEU A 87 -0.31 -1.52 20.88
C LEU A 87 1.19 -1.27 20.77
N GLU A 88 1.92 -1.54 21.85
CA GLU A 88 3.37 -1.48 21.82
C GLU A 88 3.91 -2.85 22.21
N ILE A 89 4.68 -3.46 21.30
CA ILE A 89 5.42 -4.68 21.61
C ILE A 89 6.84 -4.26 21.99
N PRO A 90 7.23 -4.36 23.25
N PRO A 90 7.23 -4.36 23.25
CA PRO A 90 8.56 -3.92 23.66
CA PRO A 90 8.56 -3.92 23.66
C PRO A 90 9.63 -4.80 23.04
C PRO A 90 9.63 -4.80 23.04
N PRO A 91 10.88 -4.32 22.98
CA PRO A 91 11.97 -5.16 22.49
C PRO A 91 12.10 -6.44 23.29
N GLY A 92 12.23 -7.56 22.58
CA GLY A 92 12.33 -8.86 23.19
C GLY A 92 11.01 -9.57 23.40
N GLU A 93 9.88 -8.88 23.24
CA GLU A 93 8.57 -9.43 23.56
C GLU A 93 7.88 -9.93 22.29
N SER A 94 6.79 -10.66 22.50
CA SER A 94 6.03 -11.24 21.42
C SER A 94 4.55 -10.94 21.62
N TRP A 95 3.82 -10.90 20.52
CA TRP A 95 2.38 -10.70 20.53
C TRP A 95 1.76 -11.54 19.42
N THR A 96 0.61 -12.14 19.70
CA THR A 96 -0.07 -13.01 18.75
C THR A 96 -1.31 -12.31 18.22
N TYR A 97 -1.34 -12.06 16.91
CA TYR A 97 -2.51 -11.54 16.23
C TYR A 97 -3.35 -12.71 15.72
N GLU A 98 -4.58 -12.82 16.20
CA GLU A 98 -5.49 -13.87 15.80
C GLU A 98 -6.75 -13.24 15.24
N PHE A 99 -7.07 -13.53 13.98
CA PHE A 99 -8.29 -13.00 13.40
C PHE A 99 -8.81 -13.96 12.34
N THR A 100 -10.08 -13.79 12.00
CA THR A 100 -10.71 -14.52 10.91
C THR A 100 -10.78 -13.62 9.69
N VAL A 101 -10.41 -14.16 8.54
CA VAL A 101 -10.55 -13.40 7.29
C VAL A 101 -12.03 -13.21 6.97
N PRO A 102 -12.50 -11.98 6.75
CA PRO A 102 -13.93 -11.78 6.45
C PRO A 102 -14.38 -12.58 5.24
N LYS A 103 -15.66 -12.95 5.26
N LYS A 103 -15.67 -12.95 5.25
CA LYS A 103 -16.22 -13.78 4.19
CA LYS A 103 -16.21 -13.78 4.18
C LYS A 103 -16.16 -13.07 2.85
C LYS A 103 -16.15 -13.07 2.85
N GLU A 104 -16.60 -11.81 2.80
CA GLU A 104 -16.67 -11.07 1.54
C GLU A 104 -15.42 -10.22 1.41
N LEU A 105 -14.31 -10.87 1.06
CA LEU A 105 -13.05 -10.17 0.91
C LEU A 105 -12.19 -10.84 -0.14
N ALA A 106 -11.46 -10.02 -0.91
CA ALA A 106 -10.51 -10.52 -1.91
C ALA A 106 -9.55 -9.39 -2.25
N GLY A 107 -8.31 -9.76 -2.60
CA GLY A 107 -7.36 -8.81 -3.14
C GLY A 107 -6.03 -8.86 -2.44
N THR A 108 -5.24 -7.80 -2.61
CA THR A 108 -3.88 -7.70 -2.10
C THR A 108 -3.83 -6.68 -0.96
N PHE A 109 -3.38 -7.15 0.20
CA PHE A 109 -3.26 -6.38 1.42
C PHE A 109 -1.81 -6.46 1.88
N TRP A 110 -1.49 -5.85 3.02
CA TRP A 110 -0.10 -5.97 3.49
C TRP A 110 -0.01 -5.65 4.97
N TYR A 111 1.15 -5.99 5.55
CA TYR A 111 1.44 -5.76 6.95
C TYR A 111 2.73 -4.97 7.07
N HIS A 112 2.77 -4.08 8.04
CA HIS A 112 3.93 -3.22 8.27
C HIS A 112 3.82 -2.62 9.68
N PRO A 113 4.85 -1.97 10.20
CA PRO A 113 4.76 -1.42 11.56
C PRO A 113 3.83 -0.22 11.60
N HIS A 114 3.27 0.03 12.79
N HIS A 114 3.26 0.02 12.78
CA HIS A 114 2.39 1.18 12.97
CA HIS A 114 2.39 1.18 12.97
C HIS A 114 2.51 1.71 14.40
C HIS A 114 2.51 1.70 14.40
N LEU A 115 3.74 1.92 14.86
CA LEU A 115 3.98 2.55 16.15
C LEU A 115 4.27 4.02 15.89
N HIS A 116 3.31 4.87 16.25
CA HIS A 116 3.39 6.30 15.95
C HIS A 116 4.72 6.90 16.38
N GLY A 117 5.32 7.69 15.48
CA GLY A 117 6.61 8.28 15.70
C GLY A 117 7.79 7.46 15.22
N ARG A 118 7.60 6.16 15.01
CA ARG A 118 8.67 5.29 14.53
C ARG A 118 8.30 4.56 13.23
N VAL A 119 7.19 4.92 12.60
CA VAL A 119 6.74 4.16 11.42
C VAL A 119 7.70 4.38 10.25
N ALA A 120 8.01 5.63 9.94
CA ALA A 120 8.83 5.91 8.76
C ALA A 120 10.19 5.22 8.80
N PRO A 121 10.96 5.26 9.90
CA PRO A 121 12.26 4.57 9.86
C PRO A 121 12.14 3.06 9.81
N GLN A 122 11.16 2.47 10.51
CA GLN A 122 11.02 1.03 10.51
C GLN A 122 10.55 0.51 9.15
N LEU A 123 9.55 1.17 8.55
N LEU A 123 9.56 1.18 8.56
CA LEU A 123 9.11 0.77 7.22
CA LEU A 123 9.11 0.79 7.22
C LEU A 123 10.23 0.95 6.19
C LEU A 123 10.21 0.96 6.18
N PHE A 124 10.92 2.09 6.24
CA PHE A 124 11.96 2.35 5.25
C PHE A 124 13.07 1.31 5.33
N ALA A 125 13.35 0.81 6.52
CA ALA A 125 14.42 -0.16 6.73
C ALA A 125 14.07 -1.56 6.22
N GLY A 126 12.82 -1.82 5.84
CA GLY A 126 12.49 -3.09 5.21
C GLY A 126 11.39 -3.90 5.85
N LEU A 127 10.72 -3.34 6.86
CA LEU A 127 9.69 -4.09 7.58
C LEU A 127 8.37 -3.97 6.83
N LEU A 128 8.09 -4.97 5.99
N LEU A 128 8.06 -5.00 6.03
CA LEU A 128 6.84 -4.99 5.21
CA LEU A 128 6.84 -5.04 5.25
C LEU A 128 6.71 -6.34 4.52
C LEU A 128 6.70 -6.42 4.63
N GLY A 129 5.45 -6.76 4.29
CA GLY A 129 5.15 -7.96 3.53
C GLY A 129 3.72 -7.90 3.03
N ALA A 130 3.42 -8.77 2.07
CA ALA A 130 2.09 -8.79 1.45
C ALA A 130 1.20 -9.88 2.03
N LEU A 131 -0.10 -9.62 2.03
N LEU A 131 -0.11 -9.64 1.99
CA LEU A 131 -1.11 -10.60 2.42
CA LEU A 131 -1.12 -10.60 2.42
C LEU A 131 -2.15 -10.68 1.30
C LEU A 131 -2.19 -10.70 1.34
N VAL A 132 -2.29 -11.86 0.71
CA VAL A 132 -3.18 -12.07 -0.43
C VAL A 132 -4.40 -12.86 0.04
N VAL A 133 -5.59 -12.35 -0.27
CA VAL A 133 -6.83 -13.06 0.00
C VAL A 133 -7.33 -13.62 -1.33
N GLU A 134 -7.21 -14.93 -1.52
N GLU A 134 -7.24 -14.95 -1.46
CA GLU A 134 -7.62 -15.54 -2.77
CA GLU A 134 -7.78 -15.64 -2.61
C GLU A 134 -9.10 -15.86 -2.73
C GLU A 134 -9.30 -15.53 -2.66
N SER A 135 -9.77 -15.64 -3.85
N SER A 135 -9.84 -15.60 -3.87
CA SER A 135 -11.22 -15.71 -3.94
CA SER A 135 -11.28 -15.55 -4.09
C SER A 135 -11.62 -16.79 -4.93
C SER A 135 -11.67 -16.66 -5.04
N SER A 136 -12.92 -17.13 -4.89
CA SER A 136 -13.46 -18.09 -5.85
C SER A 136 -13.46 -17.53 -7.26
N LEU A 137 -13.46 -16.20 -7.40
CA LEU A 137 -13.33 -15.57 -8.71
C LEU A 137 -11.99 -15.87 -9.36
N ASP A 138 -10.97 -16.21 -8.57
CA ASP A 138 -9.70 -16.59 -9.16
C ASP A 138 -9.79 -17.87 -9.98
N ALA A 139 -10.90 -18.60 -9.89
CA ALA A 139 -11.09 -19.86 -10.59
C ALA A 139 -11.70 -19.71 -11.99
N ILE A 140 -12.27 -18.56 -12.31
CA ILE A 140 -12.82 -18.32 -13.65
C ILE A 140 -11.65 -18.44 -14.63
N PRO A 141 -11.89 -18.96 -15.84
CA PRO A 141 -10.75 -19.28 -16.73
C PRO A 141 -9.91 -18.07 -17.10
N GLU A 142 -10.53 -16.91 -17.31
CA GLU A 142 -9.78 -15.73 -17.72
C GLU A 142 -8.77 -15.28 -16.68
N LEU A 143 -8.94 -15.68 -15.43
CA LEU A 143 -7.94 -15.40 -14.40
C LEU A 143 -7.09 -16.60 -14.06
N ARG A 144 -7.69 -17.79 -13.94
CA ARG A 144 -6.92 -18.98 -13.56
C ARG A 144 -5.82 -19.27 -14.57
N GLU A 145 -6.10 -19.07 -15.86
CA GLU A 145 -5.14 -19.37 -16.90
C GLU A 145 -4.08 -18.28 -17.09
N ALA A 146 -4.20 -17.16 -16.38
CA ALA A 146 -3.21 -16.11 -16.47
C ALA A 146 -1.99 -16.46 -15.61
N GLU A 147 -0.83 -15.91 -15.99
CA GLU A 147 0.36 -16.04 -15.18
C GLU A 147 0.34 -14.96 -14.10
N GLU A 148 0.43 -15.37 -12.84
CA GLU A 148 0.26 -14.45 -11.72
C GLU A 148 1.59 -14.11 -11.06
N HIS A 149 1.76 -12.84 -10.71
CA HIS A 149 2.95 -12.35 -10.03
C HIS A 149 2.55 -11.22 -9.11
N LEU A 150 3.19 -11.17 -7.94
CA LEU A 150 3.13 -10.04 -7.04
C LEU A 150 4.33 -9.13 -7.29
N LEU A 151 4.08 -7.82 -7.41
N LEU A 151 4.08 -7.82 -7.39
CA LEU A 151 5.14 -6.83 -7.53
CA LEU A 151 5.14 -6.82 -7.53
C LEU A 151 5.05 -5.90 -6.32
C LEU A 151 5.05 -5.90 -6.32
N VAL A 152 5.97 -6.06 -5.37
CA VAL A 152 6.07 -5.15 -4.23
C VAL A 152 6.99 -4.02 -4.67
N LEU A 153 6.42 -2.82 -4.84
CA LEU A 153 7.17 -1.64 -5.24
C LEU A 153 7.66 -0.93 -3.99
N LYS A 154 8.97 -0.91 -3.78
N LYS A 154 8.97 -0.93 -3.76
CA LYS A 154 9.56 -0.27 -2.60
CA LYS A 154 9.53 -0.22 -2.63
C LYS A 154 10.98 0.17 -2.89
C LYS A 154 10.96 0.19 -2.93
N ASP A 155 11.27 1.44 -2.64
CA ASP A 155 12.61 1.97 -2.86
C ASP A 155 13.40 1.99 -1.56
N LEU A 156 14.69 2.21 -1.71
CA LEU A 156 15.61 2.11 -0.59
C LEU A 156 16.82 2.98 -0.88
N ALA A 157 17.46 3.44 0.18
CA ALA A 157 18.75 4.11 0.09
C ALA A 157 19.65 3.53 1.16
N LEU A 158 20.91 3.30 0.81
CA LEU A 158 21.86 2.64 1.70
C LEU A 158 23.00 3.60 2.06
N GLN A 159 23.46 3.49 3.31
CA GLN A 159 24.61 4.26 3.77
C GLN A 159 25.36 3.38 4.75
N GLY A 160 26.61 3.07 4.42
CA GLY A 160 27.38 2.17 5.26
C GLY A 160 26.69 0.84 5.46
N GLY A 161 26.13 0.28 4.39
CA GLY A 161 25.50 -1.03 4.47
C GLY A 161 24.28 -1.10 5.35
N ARG A 162 23.65 0.03 5.67
CA ARG A 162 22.42 0.10 6.44
C ARG A 162 21.45 1.04 5.73
N PRO A 163 20.17 0.98 6.05
CA PRO A 163 19.23 1.99 5.54
C PRO A 163 19.71 3.39 5.88
N ALA A 164 19.68 4.28 4.89
CA ALA A 164 20.13 5.64 5.11
C ALA A 164 19.29 6.32 6.19
N PRO A 165 19.88 7.15 7.03
N PRO A 165 19.89 7.16 7.02
CA PRO A 165 19.11 7.82 8.08
CA PRO A 165 19.11 7.83 8.07
C PRO A 165 18.20 8.89 7.50
C PRO A 165 18.21 8.92 7.52
N HIS A 166 17.12 9.16 8.23
CA HIS A 166 16.20 10.25 7.88
C HIS A 166 16.84 11.60 8.19
N THR A 167 16.77 12.50 7.22
CA THR A 167 17.17 13.89 7.38
C THR A 167 15.97 14.75 7.71
N PRO A 168 16.19 15.99 8.15
CA PRO A 168 15.05 16.90 8.34
C PRO A 168 14.19 17.03 7.10
N MET A 169 14.82 17.22 5.94
CA MET A 169 14.06 17.27 4.70
C MET A 169 13.26 15.98 4.47
N ASP A 170 13.79 14.84 4.90
CA ASP A 170 13.05 13.59 4.75
C ASP A 170 11.76 13.60 5.55
N TRP A 171 11.81 14.16 6.77
CA TRP A 171 10.62 14.24 7.61
C TRP A 171 9.57 15.16 7.01
N MET A 172 10.00 16.18 6.28
CA MET A 172 9.10 17.11 5.62
C MET A 172 8.47 16.48 4.38
N ASN A 173 9.28 15.88 3.51
CA ASN A 173 8.80 15.39 2.24
C ASN A 173 8.32 13.94 2.28
N GLY A 174 8.78 13.17 3.26
CA GLY A 174 8.73 11.72 3.13
C GLY A 174 9.98 11.28 2.40
N LYS A 175 10.64 10.23 2.88
CA LYS A 175 11.94 9.82 2.35
C LYS A 175 11.77 8.92 1.12
N GLU A 176 12.48 9.27 0.04
CA GLU A 176 12.60 8.42 -1.13
C GLU A 176 14.06 7.98 -1.28
N GLY A 177 14.27 6.81 -1.86
CA GLY A 177 15.61 6.29 -2.04
C GLY A 177 16.01 6.14 -3.49
N ASP A 178 17.31 6.01 -3.76
CA ASP A 178 17.79 5.92 -5.13
C ASP A 178 17.64 4.52 -5.71
N LEU A 179 17.57 3.49 -4.86
CA LEU A 179 17.38 2.12 -5.32
C LEU A 179 15.88 1.87 -5.46
N VAL A 180 15.38 1.85 -6.69
CA VAL A 180 13.95 1.67 -6.95
C VAL A 180 13.74 0.21 -7.33
N LEU A 181 13.21 -0.55 -6.38
CA LEU A 181 13.24 -2.00 -6.43
C LEU A 181 11.85 -2.58 -6.63
N VAL A 182 11.84 -3.81 -7.16
N VAL A 182 11.80 -3.79 -7.18
CA VAL A 182 10.65 -4.65 -7.25
CA VAL A 182 10.58 -4.59 -7.17
C VAL A 182 10.95 -5.94 -6.50
C VAL A 182 10.92 -5.91 -6.50
N ASN A 183 10.16 -6.23 -5.46
CA ASN A 183 10.39 -7.43 -4.65
C ASN A 183 11.83 -7.47 -4.13
N GLY A 184 12.36 -6.30 -3.80
CA GLY A 184 13.73 -6.21 -3.31
C GLY A 184 14.80 -6.38 -4.36
N ALA A 185 14.44 -6.51 -5.62
CA ALA A 185 15.40 -6.71 -6.71
C ALA A 185 15.52 -5.45 -7.56
N LEU A 186 16.71 -5.22 -8.08
CA LEU A 186 16.98 -4.07 -8.93
C LEU A 186 16.68 -4.43 -10.38
N ARG A 187 15.66 -3.80 -10.94
CA ARG A 187 15.21 -3.99 -12.32
C ARG A 187 15.27 -5.45 -12.76
N PRO A 188 14.50 -6.34 -12.12
CA PRO A 188 14.49 -7.75 -12.54
C PRO A 188 13.86 -7.91 -13.92
N THR A 189 14.09 -9.09 -14.48
N THR A 189 14.02 -9.11 -14.47
CA THR A 189 13.53 -9.47 -15.77
CA THR A 189 13.40 -9.45 -15.74
C THR A 189 12.44 -10.51 -15.54
C THR A 189 12.33 -10.53 -15.51
N LEU A 190 11.26 -10.25 -16.10
N LEU A 190 11.16 -10.31 -16.08
CA LEU A 190 10.14 -11.19 -16.05
CA LEU A 190 10.04 -11.25 -16.00
C LEU A 190 10.01 -11.76 -17.45
C LEU A 190 9.84 -11.84 -17.39
N VAL A 191 10.40 -13.03 -17.61
CA VAL A 191 10.25 -13.74 -18.87
C VAL A 191 8.89 -14.42 -18.82
N ALA A 192 7.88 -13.77 -19.40
CA ALA A 192 6.52 -14.30 -19.35
C ALA A 192 6.41 -15.62 -20.09
N GLN A 193 5.75 -16.58 -19.48
CA GLN A 193 5.45 -17.85 -20.15
C GLN A 193 4.05 -17.88 -20.74
N LYS A 194 3.15 -17.03 -20.27
N LYS A 194 3.14 -17.04 -20.25
CA LYS A 194 1.82 -16.89 -20.83
CA LYS A 194 1.82 -16.89 -20.82
C LYS A 194 1.63 -15.47 -21.32
C LYS A 194 1.67 -15.47 -21.35
N ALA A 195 0.72 -15.31 -22.28
CA ALA A 195 0.47 -14.00 -22.88
C ALA A 195 -0.35 -13.08 -22.00
N THR A 196 -1.14 -13.62 -21.08
CA THR A 196 -1.88 -12.82 -20.11
C THR A 196 -1.20 -12.92 -18.75
N LEU A 197 -0.85 -11.77 -18.19
N LEU A 197 -0.85 -11.77 -18.19
CA LEU A 197 -0.27 -11.68 -16.87
CA LEU A 197 -0.27 -11.68 -16.86
C LEU A 197 -1.26 -11.04 -15.92
C LEU A 197 -1.29 -11.06 -15.92
N ARG A 198 -1.42 -11.62 -14.73
N ARG A 198 -1.40 -11.62 -14.71
CA ARG A 198 -2.18 -11.01 -13.65
CA ARG A 198 -2.18 -11.02 -13.64
C ARG A 198 -1.20 -10.53 -12.59
C ARG A 198 -1.21 -10.53 -12.57
N LEU A 199 -1.06 -9.22 -12.46
CA LEU A 199 -0.04 -8.61 -11.62
C LEU A 199 -0.68 -7.95 -10.41
N ARG A 200 -0.34 -8.44 -9.22
N ARG A 200 -0.34 -8.43 -9.22
CA ARG A 200 -0.77 -7.80 -7.98
CA ARG A 200 -0.75 -7.80 -7.98
C ARG A 200 0.26 -6.75 -7.60
C ARG A 200 0.28 -6.74 -7.61
N LEU A 201 -0.15 -5.49 -7.51
CA LEU A 201 0.77 -4.38 -7.30
C LEU A 201 0.61 -3.81 -5.90
N LEU A 202 1.73 -3.59 -5.23
CA LEU A 202 1.74 -3.03 -3.89
C LEU A 202 2.76 -1.91 -3.85
N ASN A 203 2.31 -0.70 -3.50
CA ASN A 203 3.23 0.39 -3.21
C ASN A 203 3.50 0.38 -1.71
N ALA A 204 4.65 -0.16 -1.31
CA ALA A 204 5.06 -0.24 0.08
C ALA A 204 6.17 0.76 0.41
N SER A 205 6.32 1.79 -0.40
CA SER A 205 7.31 2.83 -0.16
C SER A 205 6.83 3.79 0.91
N ASN A 206 7.79 4.50 1.53
CA ASN A 206 7.41 5.54 2.49
C ASN A 206 6.68 6.68 1.79
N ALA A 207 7.13 7.07 0.59
CA ALA A 207 6.64 8.32 0.03
C ALA A 207 6.69 8.34 -1.50
N ARG A 208 7.47 7.46 -2.11
CA ARG A 208 7.61 7.46 -3.56
C ARG A 208 6.29 7.07 -4.21
N TYR A 209 5.95 7.77 -5.29
CA TYR A 209 4.81 7.43 -6.11
C TYR A 209 5.28 6.63 -7.32
N TYR A 210 4.38 5.81 -7.86
CA TYR A 210 4.69 5.00 -9.05
C TYR A 210 3.63 5.28 -10.10
N ARG A 211 3.98 6.15 -11.06
N ARG A 211 3.98 6.15 -11.06
CA ARG A 211 3.12 6.41 -12.21
CA ARG A 211 3.12 6.40 -12.22
C ARG A 211 3.40 5.31 -13.24
C ARG A 211 3.40 5.30 -13.23
N LEU A 212 2.65 4.21 -13.12
CA LEU A 212 2.97 2.97 -13.83
C LEU A 212 2.57 3.04 -15.29
N ALA A 213 3.49 2.65 -16.17
CA ALA A 213 3.16 2.46 -17.58
C ALA A 213 4.05 1.37 -18.15
N LEU A 214 3.42 0.44 -18.86
CA LEU A 214 4.09 -0.63 -19.58
C LEU A 214 4.23 -0.23 -21.05
N GLN A 215 5.47 -0.27 -21.55
CA GLN A 215 5.72 0.19 -22.92
C GLN A 215 4.80 -0.52 -23.90
N ASP A 216 4.16 0.26 -24.76
CA ASP A 216 3.39 -0.24 -25.89
C ASP A 216 2.12 -0.98 -25.48
N HIS A 217 1.74 -0.93 -24.21
CA HIS A 217 0.60 -1.70 -23.70
C HIS A 217 -0.25 -0.87 -22.77
N PRO A 218 -1.57 -1.09 -22.80
CA PRO A 218 -2.41 -0.63 -21.70
C PRO A 218 -2.37 -1.61 -20.53
N LEU A 219 -2.92 -1.17 -19.42
CA LEU A 219 -3.17 -2.02 -18.27
C LEU A 219 -4.67 -2.19 -18.09
N TYR A 220 -5.09 -3.35 -17.63
CA TYR A 220 -6.50 -3.63 -17.38
C TYR A 220 -6.66 -3.78 -15.87
N LEU A 221 -7.17 -2.71 -15.24
CA LEU A 221 -7.41 -2.72 -13.81
C LEU A 221 -8.55 -3.67 -13.49
N ILE A 222 -8.30 -4.62 -12.60
CA ILE A 222 -9.34 -5.55 -12.17
C ILE A 222 -9.61 -5.50 -10.68
N ALA A 223 -8.71 -4.92 -9.87
CA ALA A 223 -8.92 -4.78 -8.43
C ALA A 223 -8.21 -3.52 -7.95
N ALA A 224 -8.78 -2.87 -6.94
CA ALA A 224 -8.18 -1.72 -6.28
C ALA A 224 -7.62 -2.15 -4.92
N ASP A 225 -7.48 -1.19 -3.99
CA ASP A 225 -6.87 -1.47 -2.69
C ASP A 225 -7.42 -2.74 -2.06
N GLY A 226 -8.74 -2.82 -1.92
CA GLY A 226 -9.33 -3.83 -1.07
C GLY A 226 -10.41 -4.69 -1.70
N GLY A 227 -10.39 -4.83 -3.02
CA GLY A 227 -11.38 -5.67 -3.68
C GLY A 227 -11.37 -5.48 -5.18
N PHE A 228 -12.08 -6.40 -5.86
CA PHE A 228 -12.21 -6.35 -7.30
C PHE A 228 -13.05 -5.15 -7.74
N LEU A 229 -12.78 -4.69 -8.97
CA LEU A 229 -13.74 -3.82 -9.62
C LEU A 229 -14.95 -4.64 -10.07
N GLU A 230 -15.94 -3.95 -10.63
CA GLU A 230 -17.12 -4.64 -11.15
C GLU A 230 -16.86 -5.25 -12.51
N GLU A 231 -15.93 -4.67 -13.25
N GLU A 231 -15.93 -4.67 -13.26
CA GLU A 231 -15.54 -5.14 -14.58
CA GLU A 231 -15.54 -5.14 -14.58
C GLU A 231 -14.18 -4.53 -14.90
C GLU A 231 -14.17 -4.54 -14.88
N PRO A 232 -13.39 -5.16 -15.77
CA PRO A 232 -12.05 -4.63 -16.06
C PRO A 232 -12.14 -3.21 -16.59
N LEU A 233 -11.17 -2.38 -16.21
CA LEU A 233 -11.08 -1.01 -16.67
C LEU A 233 -9.75 -0.79 -17.38
N GLU A 234 -9.82 -0.37 -18.64
N GLU A 234 -9.81 -0.42 -18.66
CA GLU A 234 -8.62 -0.15 -19.44
CA GLU A 234 -8.61 -0.16 -19.43
C GLU A 234 -8.04 1.23 -19.12
C GLU A 234 -8.04 1.21 -19.08
N VAL A 235 -6.74 1.26 -18.76
CA VAL A 235 -6.04 2.49 -18.45
C VAL A 235 -4.74 2.52 -19.23
N SER A 236 -4.28 3.72 -19.56
CA SER A 236 -2.97 3.89 -20.21
C SER A 236 -1.84 3.93 -19.20
N GLU A 237 -2.12 4.38 -17.99
CA GLU A 237 -1.15 4.40 -16.92
C GLU A 237 -1.91 4.24 -15.60
N LEU A 238 -1.17 3.97 -14.54
CA LEU A 238 -1.81 3.70 -13.25
C LEU A 238 -0.92 4.23 -12.15
N LEU A 239 -1.36 5.30 -11.49
CA LEU A 239 -0.61 5.88 -10.39
C LEU A 239 -0.90 5.12 -9.10
N LEU A 240 0.15 4.65 -8.44
N LEU A 240 0.16 4.65 -8.45
CA LEU A 240 0.06 4.00 -7.15
CA LEU A 240 0.06 4.00 -7.15
C LEU A 240 0.74 4.88 -6.11
C LEU A 240 0.74 4.88 -6.11
N ALA A 241 -0.05 5.46 -5.21
CA ALA A 241 0.47 6.26 -4.11
C ALA A 241 0.89 5.32 -2.97
N PRO A 242 1.70 5.82 -2.01
N PRO A 242 1.69 5.82 -2.02
CA PRO A 242 2.13 4.97 -0.89
CA PRO A 242 2.12 4.98 -0.90
C PRO A 242 0.96 4.35 -0.13
C PRO A 242 0.94 4.36 -0.16
N GLY A 243 0.97 3.03 -0.02
CA GLY A 243 -0.05 2.29 0.67
C GLY A 243 -1.12 1.70 -0.23
N GLU A 244 -1.22 2.18 -1.46
CA GLU A 244 -2.24 1.69 -2.38
C GLU A 244 -1.84 0.35 -2.99
N ARG A 245 -2.85 -0.42 -3.39
CA ARG A 245 -2.67 -1.63 -4.17
C ARG A 245 -3.57 -1.58 -5.39
N ALA A 246 -3.23 -2.42 -6.37
CA ALA A 246 -4.01 -2.62 -7.58
C ALA A 246 -3.66 -3.99 -8.12
N GLU A 247 -4.59 -4.60 -8.85
CA GLU A 247 -4.31 -5.77 -9.65
C GLU A 247 -4.69 -5.46 -11.09
N VAL A 248 -3.79 -5.79 -12.02
CA VAL A 248 -4.04 -5.55 -13.43
C VAL A 248 -3.83 -6.84 -14.21
N LEU A 249 -4.55 -6.93 -15.33
CA LEU A 249 -4.24 -7.87 -16.38
C LEU A 249 -3.42 -7.17 -17.44
N VAL A 250 -2.35 -7.81 -17.87
CA VAL A 250 -1.53 -7.39 -19.01
C VAL A 250 -1.69 -8.42 -20.10
N ARG A 251 -2.03 -7.96 -21.30
CA ARG A 251 -2.29 -8.81 -22.45
C ARG A 251 -1.18 -8.53 -23.46
N LEU A 252 -0.20 -9.41 -23.51
CA LEU A 252 1.00 -9.14 -24.29
C LEU A 252 0.67 -9.26 -25.78
N ARG A 253 1.01 -8.22 -26.53
CA ARG A 253 0.50 -8.03 -27.89
C ARG A 253 1.45 -8.52 -28.96
N LYS A 254 2.75 -8.55 -28.69
CA LYS A 254 3.70 -9.09 -29.65
C LYS A 254 4.92 -9.55 -28.87
N GLU A 255 5.78 -10.31 -29.53
CA GLU A 255 7.04 -10.70 -28.93
C GLU A 255 7.92 -9.46 -28.73
N GLY A 256 8.73 -9.48 -27.69
CA GLY A 256 9.69 -8.42 -27.49
C GLY A 256 9.91 -8.11 -26.02
N ARG A 257 10.79 -7.14 -25.81
CA ARG A 257 11.14 -6.62 -24.49
C ARG A 257 10.37 -5.33 -24.24
N PHE A 258 9.64 -5.27 -23.14
CA PHE A 258 8.85 -4.09 -22.80
C PHE A 258 9.18 -3.63 -21.39
N LEU A 259 9.51 -2.35 -21.25
N LEU A 259 9.48 -2.35 -21.24
CA LEU A 259 9.83 -1.77 -19.96
CA LEU A 259 9.86 -1.79 -19.94
C LEU A 259 8.55 -1.47 -19.19
C LEU A 259 8.61 -1.38 -19.16
N LEU A 260 8.51 -1.86 -17.93
CA LEU A 260 7.51 -1.34 -16.98
C LEU A 260 8.18 -0.20 -16.24
N GLN A 261 7.64 1.00 -16.37
CA GLN A 261 8.30 2.20 -15.89
C GLN A 261 7.45 2.92 -14.86
N ALA A 262 8.14 3.63 -13.97
CA ALA A 262 7.52 4.64 -13.11
C ALA A 262 7.81 5.98 -13.79
N LEU A 263 6.82 6.49 -14.51
N LEU A 263 6.82 6.49 -14.51
CA LEU A 263 6.97 7.71 -15.28
CA LEU A 263 6.98 7.71 -15.27
C LEU A 263 7.14 8.91 -14.35
C LEU A 263 7.11 8.92 -14.36
N PRO A 264 7.69 10.02 -14.86
CA PRO A 264 7.88 11.21 -14.02
C PRO A 264 6.58 11.70 -13.42
N TYR A 265 6.65 12.04 -12.12
CA TYR A 265 5.46 12.48 -11.40
C TYR A 265 5.89 13.47 -10.32
N ASP A 266 5.21 14.61 -10.29
CA ASP A 266 5.47 15.64 -9.30
C ASP A 266 4.44 15.52 -8.19
N ARG A 267 4.87 15.03 -7.03
CA ARG A 267 3.97 14.90 -5.88
C ARG A 267 4.06 16.10 -4.94
N GLY A 268 4.84 17.12 -5.30
CA GLY A 268 4.96 18.30 -4.49
C GLY A 268 6.07 18.31 -3.47
N ALA A 269 7.05 17.40 -3.57
CA ALA A 269 8.18 17.45 -2.65
C ALA A 269 8.97 18.73 -2.87
N MET A 270 9.67 19.19 -1.83
N MET A 270 9.65 19.21 -1.84
CA MET A 270 10.30 20.50 -1.85
CA MET A 270 10.30 20.50 -1.88
C MET A 270 11.79 20.39 -1.53
C MET A 270 11.78 20.38 -1.55
N GLY A 271 12.56 21.31 -2.12
CA GLY A 271 13.95 21.46 -1.77
C GLY A 271 14.16 22.85 -1.19
N MET A 272 15.41 23.25 -0.98
CA MET A 272 15.72 24.57 -0.47
C MET A 272 16.75 25.23 -1.37
N MET A 273 16.61 26.54 -1.54
CA MET A 273 17.47 27.29 -2.43
C MET A 273 17.89 28.59 -1.75
N ASP A 274 19.09 29.03 -2.07
CA ASP A 274 19.63 30.31 -1.59
C ASP A 274 20.25 31.01 -2.79
N MET A 275 19.66 32.14 -3.18
CA MET A 275 20.10 32.89 -4.36
C MET A 275 20.33 34.36 -4.03
N GLY A 276 20.81 34.65 -2.83
CA GLY A 276 21.01 36.02 -2.41
C GLY A 276 19.77 36.61 -1.77
N GLY A 277 19.70 36.54 -0.44
CA GLY A 277 18.52 36.99 0.26
C GLY A 277 17.31 36.13 0.04
N MET A 278 17.50 34.91 -0.43
CA MET A 278 16.38 34.03 -0.72
C MET A 278 16.12 33.09 0.46
N ALA A 279 16.82 31.95 0.47
CA ALA A 279 16.67 30.94 1.51
C ALA A 279 15.20 30.52 1.67
N HIS A 280 14.58 30.16 0.55
CA HIS A 280 13.18 29.75 0.57
C HIS A 280 13.01 28.40 -0.14
N ALA A 281 11.88 27.75 0.16
CA ALA A 281 11.62 26.42 -0.37
C ALA A 281 11.33 26.48 -1.87
N MET A 282 11.79 25.47 -2.60
N MET A 282 11.79 25.47 -2.59
CA MET A 282 11.58 25.36 -4.03
CA MET A 282 11.58 25.36 -4.03
C MET A 282 11.07 23.97 -4.36
C MET A 282 11.06 23.96 -4.36
N PRO A 283 10.15 23.84 -5.31
CA PRO A 283 9.68 22.51 -5.70
C PRO A 283 10.83 21.65 -6.21
N GLN A 284 10.80 20.37 -5.82
CA GLN A 284 11.72 19.43 -6.45
C GLN A 284 11.31 19.14 -7.89
N GLY A 285 10.05 19.36 -8.24
CA GLY A 285 9.55 19.05 -9.56
C GLY A 285 9.31 17.56 -9.72
N PRO A 286 9.10 17.11 -10.95
N PRO A 286 9.10 17.11 -10.95
CA PRO A 286 8.79 15.70 -11.19
CA PRO A 286 8.79 15.70 -11.19
C PRO A 286 9.97 14.79 -10.86
C PRO A 286 9.97 14.79 -10.86
N SER A 287 9.64 13.55 -10.51
CA SER A 287 10.66 12.54 -10.26
C SER A 287 11.27 12.07 -11.57
N ARG A 288 12.52 11.62 -11.50
CA ARG A 288 13.04 11.15 -12.78
C ARG A 288 12.47 9.79 -13.12
N PRO A 289 12.30 9.48 -14.41
CA PRO A 289 11.69 8.21 -14.79
C PRO A 289 12.56 7.03 -14.33
N GLU A 290 11.90 5.99 -13.82
CA GLU A 290 12.58 4.79 -13.35
C GLU A 290 12.06 3.58 -14.12
N THR A 291 12.98 2.70 -14.52
CA THR A 291 12.59 1.38 -15.02
C THR A 291 12.38 0.44 -13.85
N LEU A 292 11.20 -0.17 -13.79
CA LEU A 292 10.90 -1.10 -12.71
C LEU A 292 11.30 -2.53 -13.05
N LEU A 293 10.95 -2.99 -14.25
CA LEU A 293 11.35 -4.33 -14.65
C LEU A 293 11.38 -4.40 -16.17
N TYR A 294 12.02 -5.46 -16.67
CA TYR A 294 11.98 -5.81 -18.08
C TYR A 294 11.00 -6.96 -18.26
N LEU A 295 10.05 -6.78 -19.16
N LEU A 295 10.03 -6.77 -19.14
CA LEU A 295 9.03 -7.80 -19.43
CA LEU A 295 9.00 -7.76 -19.42
C LEU A 295 9.29 -8.37 -20.81
C LEU A 295 9.28 -8.30 -20.82
N ILE A 296 9.63 -9.66 -20.86
N ILE A 296 9.61 -9.59 -20.89
CA ILE A 296 9.88 -10.37 -22.10
CA ILE A 296 9.88 -10.26 -22.16
C ILE A 296 8.61 -11.13 -22.48
C ILE A 296 8.66 -11.10 -22.51
N ALA A 297 8.07 -10.82 -23.66
CA ALA A 297 6.86 -11.51 -24.08
C ALA A 297 7.22 -12.90 -24.63
N PRO A 298 6.31 -13.88 -24.50
CA PRO A 298 6.56 -15.21 -25.06
C PRO A 298 6.42 -15.24 -26.58
N LYS A 299 6.70 -16.38 -27.18
CA LYS A 299 6.62 -16.51 -28.63
C LYS A 299 5.16 -16.60 -29.07
N ASN A 300 4.79 -15.78 -30.06
N ASN A 300 4.79 -15.79 -30.07
CA ASN A 300 3.44 -15.72 -30.60
CA ASN A 300 3.44 -15.70 -30.61
C ASN A 300 2.42 -15.54 -29.48
C ASN A 300 2.42 -15.54 -29.48
N PRO A 301 2.43 -14.42 -28.77
CA PRO A 301 1.49 -14.24 -27.65
C PRO A 301 0.06 -14.14 -28.14
N LYS A 302 -0.81 -15.01 -27.63
N LYS A 302 -0.80 -15.01 -27.62
CA LYS A 302 -2.23 -14.98 -27.90
CA LYS A 302 -2.24 -14.97 -27.86
C LYS A 302 -2.96 -14.83 -26.56
C LYS A 302 -2.93 -14.86 -26.51
N PRO A 303 -3.18 -13.59 -26.10
N PRO A 303 -3.15 -13.63 -26.02
CA PRO A 303 -3.77 -13.39 -24.77
CA PRO A 303 -3.71 -13.47 -24.67
C PRO A 303 -5.17 -13.97 -24.67
C PRO A 303 -5.15 -13.95 -24.59
N LEU A 304 -5.55 -14.29 -23.44
N LEU A 304 -5.54 -14.33 -23.37
CA LEU A 304 -6.90 -14.72 -23.14
CA LEU A 304 -6.91 -14.74 -23.11
C LEU A 304 -7.87 -13.57 -23.33
C LEU A 304 -7.88 -13.57 -23.31
N PRO A 305 -9.16 -13.85 -23.51
CA PRO A 305 -10.15 -12.78 -23.47
C PRO A 305 -10.25 -12.24 -22.04
N LEU A 306 -10.56 -10.95 -21.95
CA LEU A 306 -10.78 -10.36 -20.64
C LEU A 306 -12.03 -10.97 -20.01
N PRO A 307 -12.08 -11.04 -18.68
N PRO A 307 -12.09 -11.05 -18.69
CA PRO A 307 -13.35 -11.36 -18.03
CA PRO A 307 -13.36 -11.39 -18.04
C PRO A 307 -14.39 -10.29 -18.32
C PRO A 307 -14.38 -10.30 -18.29
N LYS A 308 -15.61 -10.73 -18.65
CA LYS A 308 -16.67 -9.76 -18.90
C LYS A 308 -17.08 -9.05 -17.62
N ALA A 309 -17.07 -9.77 -16.49
CA ALA A 309 -17.46 -9.20 -15.21
C ALA A 309 -16.56 -9.78 -14.12
N LEU A 310 -16.45 -9.03 -13.02
CA LEU A 310 -15.66 -9.46 -11.87
C LEU A 310 -16.61 -9.65 -10.70
N SER A 311 -16.76 -8.66 -9.82
N SER A 311 -16.75 -8.67 -9.81
CA SER A 311 -17.59 -8.78 -8.64
CA SER A 311 -17.60 -8.79 -8.65
C SER A 311 -18.52 -7.57 -8.54
C SER A 311 -18.52 -7.58 -8.55
N PRO A 312 -19.83 -7.77 -8.40
CA PRO A 312 -20.71 -6.61 -8.22
C PRO A 312 -20.38 -5.89 -6.92
N PHE A 313 -20.31 -4.56 -6.99
CA PHE A 313 -20.06 -3.82 -5.76
C PHE A 313 -21.35 -3.74 -4.95
N PRO A 314 -21.28 -3.91 -3.63
CA PRO A 314 -22.50 -3.90 -2.82
C PRO A 314 -23.26 -2.59 -2.94
N THR A 315 -24.59 -2.71 -2.85
CA THR A 315 -25.43 -1.53 -2.68
C THR A 315 -25.39 -1.09 -1.23
N LEU A 316 -25.08 0.18 -1.01
CA LEU A 316 -24.86 0.62 0.36
C LEU A 316 -26.05 1.43 0.86
N PRO A 317 -26.39 1.31 2.15
CA PRO A 317 -27.46 2.13 2.72
C PRO A 317 -27.16 3.61 2.58
N ALA A 318 -28.23 4.41 2.55
CA ALA A 318 -28.09 5.87 2.48
C ALA A 318 -27.26 6.36 3.67
N PRO A 319 -26.37 7.32 3.47
CA PRO A 319 -25.51 7.79 4.57
C PRO A 319 -26.29 8.63 5.57
N VAL A 320 -25.76 8.67 6.79
N VAL A 320 -25.74 8.70 6.78
CA VAL A 320 -26.41 9.34 7.91
CA VAL A 320 -26.37 9.43 7.87
C VAL A 320 -25.60 10.49 8.47
C VAL A 320 -25.58 10.66 8.30
N VAL A 321 -24.42 10.78 7.91
N VAL A 321 -24.27 10.74 8.03
CA VAL A 321 -23.64 11.94 8.33
CA VAL A 321 -23.44 11.84 8.46
C VAL A 321 -22.63 12.25 7.25
C VAL A 321 -22.49 12.21 7.33
N THR A 322 -22.24 13.52 7.17
CA THR A 322 -21.18 14.01 6.30
C THR A 322 -20.09 14.60 7.19
N ARG A 323 -18.86 14.15 7.00
N ARG A 323 -18.86 14.14 6.99
CA ARG A 323 -17.70 14.67 7.72
CA ARG A 323 -17.69 14.66 7.67
C ARG A 323 -16.80 15.43 6.75
C ARG A 323 -16.89 15.54 6.72
N ARG A 324 -16.19 16.50 7.23
N ARG A 324 -16.13 16.46 7.29
CA ARG A 324 -15.20 17.24 6.46
CA ARG A 324 -15.17 17.26 6.53
C ARG A 324 -13.86 17.17 7.19
C ARG A 324 -13.82 17.17 7.23
N LEU A 325 -12.84 16.71 6.49
N LEU A 325 -12.81 16.74 6.49
CA LEU A 325 -11.48 16.61 7.03
CA LEU A 325 -11.45 16.56 7.01
C LEU A 325 -10.56 17.42 6.12
C LEU A 325 -10.51 17.36 6.12
N VAL A 326 -9.91 18.42 6.68
N VAL A 326 -9.92 18.42 6.68
CA VAL A 326 -9.06 19.34 5.92
CA VAL A 326 -9.06 19.32 5.92
C VAL A 326 -7.61 19.05 6.29
C VAL A 326 -7.62 19.03 6.29
N LEU A 327 -6.78 18.86 5.27
CA LEU A 327 -5.36 18.59 5.46
C LEU A 327 -4.57 19.87 5.19
N THR A 328 -3.67 20.21 6.11
N THR A 328 -3.65 20.20 6.10
N THR A 328 -3.67 20.21 6.11
CA THR A 328 -2.79 21.36 5.93
CA THR A 328 -2.86 21.41 6.00
CA THR A 328 -2.83 21.39 5.98
C THR A 328 -1.38 20.99 6.36
C THR A 328 -1.46 21.13 6.49
C THR A 328 -1.39 21.02 6.34
N GLU A 329 -0.44 21.87 6.02
N GLU A 329 -0.50 21.91 6.00
N GLU A 329 -0.46 21.90 6.02
CA GLU A 329 0.98 21.63 6.19
CA GLU A 329 0.92 21.64 6.22
CA GLU A 329 0.96 21.64 6.18
C GLU A 329 1.65 22.84 6.82
C GLU A 329 1.61 22.84 6.87
C GLU A 329 1.65 22.84 6.81
N ASP A 330 2.73 22.55 7.54
CA ASP A 330 3.70 23.55 7.99
C ASP A 330 5.01 22.92 7.54
N MET A 331 5.40 23.18 6.29
CA MET A 331 6.54 22.46 5.70
C MET A 331 7.83 22.73 6.47
N MET A 332 8.13 23.99 6.76
CA MET A 332 9.40 24.34 7.39
C MET A 332 9.51 23.76 8.79
N ALA A 333 8.39 23.56 9.47
CA ALA A 333 8.40 22.86 10.74
C ALA A 333 8.24 21.36 10.59
N ALA A 334 7.95 20.88 9.37
CA ALA A 334 7.61 19.48 9.13
C ALA A 334 6.51 19.02 10.08
N ARG A 335 5.43 19.81 10.12
CA ARG A 335 4.23 19.49 10.89
C ARG A 335 3.04 19.46 9.95
N PHE A 336 2.13 18.51 10.19
CA PHE A 336 1.03 18.25 9.28
C PHE A 336 -0.23 17.99 10.10
N PHE A 337 -1.36 18.54 9.63
CA PHE A 337 -2.56 18.64 10.45
C PHE A 337 -3.78 18.10 9.72
N ILE A 338 -4.76 17.70 10.51
CA ILE A 338 -6.11 17.39 10.06
C ILE A 338 -7.06 18.26 10.87
N ASN A 339 -7.85 19.07 10.17
CA ASN A 339 -8.72 20.06 10.83
C ASN A 339 -7.94 20.87 11.86
N GLY A 340 -6.71 21.22 11.51
CA GLY A 340 -5.92 22.09 12.35
C GLY A 340 -5.25 21.47 13.55
N GLN A 341 -5.30 20.14 13.70
CA GLN A 341 -4.74 19.48 14.87
C GLN A 341 -3.73 18.42 14.48
N VAL A 342 -2.80 18.15 15.38
N VAL A 342 -2.80 18.15 15.38
CA VAL A 342 -1.89 17.02 15.23
CA VAL A 342 -1.90 17.02 15.23
C VAL A 342 -2.45 15.85 16.04
C VAL A 342 -2.45 15.85 16.04
N PHE A 343 -1.97 14.66 15.73
CA PHE A 343 -2.42 13.45 16.40
C PHE A 343 -2.27 13.56 17.91
N ASP A 344 -3.26 13.03 18.63
CA ASP A 344 -3.20 12.87 20.08
C ASP A 344 -3.90 11.56 20.40
N HIS A 345 -3.13 10.57 20.88
CA HIS A 345 -3.69 9.24 21.04
C HIS A 345 -4.79 9.20 22.10
N ARG A 346 -4.88 10.23 22.94
CA ARG A 346 -5.89 10.29 23.99
C ARG A 346 -7.16 10.97 23.52
N ARG A 347 -7.12 11.68 22.42
CA ARG A 347 -8.25 12.47 21.93
C ARG A 347 -8.99 11.68 20.86
N VAL A 348 -10.32 11.59 20.99
CA VAL A 348 -11.17 11.03 19.95
C VAL A 348 -11.63 12.17 19.06
N ASP A 349 -11.35 12.06 17.77
CA ASP A 349 -11.71 13.12 16.84
C ASP A 349 -13.09 12.92 16.23
N LEU A 350 -13.42 11.69 15.86
N LEU A 350 -13.40 11.69 15.83
CA LEU A 350 -14.69 11.35 15.22
CA LEU A 350 -14.65 11.35 15.16
C LEU A 350 -15.35 10.22 15.97
C LEU A 350 -15.32 10.21 15.91
N LYS A 351 -16.68 10.29 16.09
N LYS A 351 -16.64 10.28 16.04
CA LYS A 351 -17.47 9.25 16.73
CA LYS A 351 -17.43 9.23 16.69
C LYS A 351 -18.58 8.85 15.77
C LYS A 351 -18.56 8.86 15.76
N GLY A 352 -18.56 7.60 15.30
CA GLY A 352 -19.54 7.09 14.39
C GLY A 352 -20.24 5.86 14.94
N GLN A 353 -21.23 5.40 14.20
CA GLN A 353 -22.06 4.27 14.62
C GLN A 353 -21.86 3.11 13.64
N ALA A 354 -21.54 1.94 14.18
CA ALA A 354 -21.31 0.76 13.33
C ALA A 354 -22.56 0.44 12.53
N GLN A 355 -22.34 -0.06 11.31
CA GLN A 355 -23.35 -0.44 10.33
C GLN A 355 -24.12 0.76 9.77
N THR A 356 -23.72 1.98 10.07
CA THR A 356 -24.18 3.15 9.33
C THR A 356 -23.15 3.50 8.26
N VAL A 357 -23.59 4.27 7.28
CA VAL A 357 -22.72 4.76 6.22
C VAL A 357 -22.50 6.26 6.43
N GLU A 358 -21.27 6.72 6.21
CA GLU A 358 -20.92 8.12 6.34
C GLU A 358 -20.34 8.60 5.02
N VAL A 359 -20.48 9.90 4.77
CA VAL A 359 -19.79 10.55 3.67
C VAL A 359 -18.62 11.32 4.26
N TRP A 360 -17.42 11.04 3.79
CA TRP A 360 -16.23 11.75 4.22
C TRP A 360 -15.75 12.62 3.08
N GLU A 361 -15.71 13.93 3.31
CA GLU A 361 -15.10 14.87 2.38
C GLU A 361 -13.74 15.21 2.91
N VAL A 362 -12.70 14.71 2.25
CA VAL A 362 -11.33 14.99 2.64
C VAL A 362 -10.78 16.01 1.65
N GLU A 363 -10.26 17.11 2.18
CA GLU A 363 -9.80 18.21 1.36
C GLU A 363 -8.32 18.45 1.63
N ASN A 364 -7.52 18.43 0.56
CA ASN A 364 -6.11 18.73 0.64
C ASN A 364 -5.93 20.22 0.43
N GLN A 365 -5.64 20.96 1.50
CA GLN A 365 -5.34 22.38 1.38
C GLN A 365 -3.84 22.65 1.44
N GLY A 366 -3.01 21.62 1.37
CA GLY A 366 -1.58 21.78 1.22
C GLY A 366 -1.16 21.85 -0.24
N ASP A 367 0.16 21.91 -0.43
CA ASP A 367 0.75 21.92 -1.76
C ASP A 367 1.38 20.58 -2.15
N MET A 368 1.44 19.62 -1.24
CA MET A 368 1.93 18.29 -1.54
C MET A 368 0.75 17.35 -1.74
N ASP A 369 0.99 16.29 -2.51
CA ASP A 369 0.07 15.15 -2.51
C ASP A 369 0.02 14.53 -1.12
N HIS A 370 -1.18 14.10 -0.73
CA HIS A 370 -1.36 13.40 0.54
C HIS A 370 -2.24 12.18 0.32
N PRO A 371 -1.70 10.97 0.45
N PRO A 371 -1.70 10.97 0.45
CA PRO A 371 -2.54 9.75 0.33
CA PRO A 371 -2.52 9.75 0.36
C PRO A 371 -3.21 9.43 1.65
C PRO A 371 -3.21 9.46 1.68
N PHE A 372 -4.52 9.66 1.71
CA PHE A 372 -5.30 9.54 2.93
C PHE A 372 -5.74 8.11 3.16
N HIS A 373 -5.43 7.57 4.34
CA HIS A 373 -5.72 6.18 4.66
C HIS A 373 -6.58 6.10 5.91
N LEU A 374 -7.57 5.21 5.88
CA LEU A 374 -8.42 4.93 7.02
C LEU A 374 -8.33 3.44 7.35
N HIS A 375 -8.05 3.12 8.61
CA HIS A 375 -8.01 1.73 9.05
C HIS A 375 -9.41 1.17 9.17
N VAL A 376 -9.51 -0.16 9.10
CA VAL A 376 -10.64 -0.95 9.59
C VAL A 376 -11.87 -0.87 8.68
N HIS A 377 -12.12 0.30 8.08
CA HIS A 377 -13.35 0.56 7.31
C HIS A 377 -13.02 0.93 5.87
N PRO A 378 -12.97 -0.05 4.96
CA PRO A 378 -12.81 0.27 3.53
C PRO A 378 -13.92 1.18 3.01
N PHE A 379 -13.59 1.99 2.01
CA PHE A 379 -14.52 2.98 1.51
C PHE A 379 -14.67 2.89 0.00
N GLN A 380 -15.72 3.54 -0.49
CA GLN A 380 -15.95 3.69 -1.93
C GLN A 380 -15.64 5.14 -2.30
N VAL A 381 -14.64 5.33 -3.15
CA VAL A 381 -14.34 6.68 -3.63
C VAL A 381 -15.42 7.09 -4.61
N LEU A 382 -16.13 8.16 -4.30
CA LEU A 382 -17.15 8.70 -5.19
C LEU A 382 -16.54 9.63 -6.23
N SER A 383 -15.69 10.56 -5.79
CA SER A 383 -15.09 11.53 -6.69
C SER A 383 -13.84 12.09 -6.04
N VAL A 384 -12.91 12.56 -6.88
CA VAL A 384 -11.72 13.28 -6.43
C VAL A 384 -11.47 14.45 -7.37
N GLY A 385 -11.18 15.61 -6.80
CA GLY A 385 -11.02 16.81 -7.62
C GLY A 385 -12.25 17.17 -8.41
N GLY A 386 -13.44 16.83 -7.90
CA GLY A 386 -14.67 17.09 -8.60
C GLY A 386 -14.95 16.19 -9.79
N ARG A 387 -14.10 15.19 -10.04
CA ARG A 387 -14.29 14.24 -11.14
C ARG A 387 -14.85 12.93 -10.60
N PRO A 388 -15.96 12.43 -11.16
CA PRO A 388 -16.49 11.15 -10.68
C PRO A 388 -15.49 10.03 -10.88
N PHE A 389 -15.37 9.16 -9.88
CA PHE A 389 -14.49 8.01 -10.00
C PHE A 389 -15.06 7.04 -11.03
N PRO A 390 -14.22 6.52 -11.93
CA PRO A 390 -14.70 5.70 -13.06
C PRO A 390 -14.94 4.22 -12.75
N TYR A 391 -14.86 3.79 -11.49
CA TYR A 391 -15.18 2.42 -11.15
C TYR A 391 -15.65 2.37 -9.71
N ARG A 392 -16.25 1.25 -9.33
CA ARG A 392 -16.68 1.00 -7.97
C ARG A 392 -15.86 -0.16 -7.44
N ALA A 393 -15.18 0.06 -6.31
CA ALA A 393 -14.38 -0.95 -5.64
C ALA A 393 -14.03 -0.43 -4.26
N TRP A 394 -13.72 -1.37 -3.37
CA TRP A 394 -13.23 -0.99 -2.05
C TRP A 394 -11.83 -0.43 -2.16
N LYS A 395 -11.62 0.75 -1.57
CA LYS A 395 -10.29 1.28 -1.37
C LYS A 395 -10.13 1.63 0.10
N ASP A 396 -8.88 1.76 0.53
CA ASP A 396 -8.58 2.22 1.88
C ASP A 396 -7.53 3.33 1.89
N VAL A 397 -7.02 3.72 0.73
CA VAL A 397 -6.08 4.83 0.57
C VAL A 397 -6.56 5.62 -0.63
N VAL A 398 -6.63 6.93 -0.51
CA VAL A 398 -7.02 7.77 -1.64
C VAL A 398 -6.06 8.94 -1.72
N ASN A 399 -5.48 9.15 -2.89
CA ASN A 399 -4.49 10.19 -3.08
C ASN A 399 -5.17 11.51 -3.38
N LEU A 400 -4.74 12.56 -2.69
N LEU A 400 -4.75 12.56 -2.69
CA LEU A 400 -5.22 13.92 -2.90
CA LEU A 400 -5.28 13.91 -2.93
C LEU A 400 -4.05 14.76 -3.41
C LEU A 400 -4.13 14.79 -3.39
N LYS A 401 -4.14 15.21 -4.65
N LYS A 401 -4.18 15.22 -4.65
CA LYS A 401 -3.23 16.25 -5.08
CA LYS A 401 -3.29 16.27 -5.09
C LYS A 401 -3.66 17.58 -4.45
C LYS A 401 -3.64 17.57 -4.37
N ALA A 402 -2.74 18.55 -4.47
CA ALA A 402 -2.96 19.84 -3.81
C ALA A 402 -4.27 20.48 -4.23
N GLY A 403 -5.07 20.92 -3.25
CA GLY A 403 -6.32 21.59 -3.53
C GLY A 403 -7.51 20.68 -3.75
N GLU A 404 -7.30 19.38 -3.93
CA GLU A 404 -8.38 18.48 -4.34
C GLU A 404 -9.24 18.05 -3.16
N VAL A 405 -10.52 17.83 -3.44
CA VAL A 405 -11.45 17.24 -2.49
C VAL A 405 -11.77 15.83 -2.94
N ALA A 406 -11.65 14.87 -2.02
CA ALA A 406 -12.17 13.52 -2.24
C ALA A 406 -13.43 13.33 -1.43
N ARG A 407 -14.46 12.75 -2.05
N ARG A 407 -14.46 12.76 -2.06
CA ARG A 407 -15.69 12.38 -1.37
CA ARG A 407 -15.70 12.40 -1.38
C ARG A 407 -15.79 10.86 -1.33
C ARG A 407 -15.78 10.87 -1.30
N LEU A 408 -15.88 10.31 -0.11
N LEU A 408 -15.78 10.35 -0.08
CA LEU A 408 -15.84 8.89 0.12
CA LEU A 408 -15.76 8.92 0.17
C LEU A 408 -17.13 8.42 0.78
C LEU A 408 -17.07 8.48 0.80
N LEU A 409 -17.62 7.26 0.36
N LEU A 409 -17.52 7.29 0.43
CA LEU A 409 -18.68 6.56 1.08
CA LEU A 409 -18.63 6.62 1.09
C LEU A 409 -18.03 5.59 2.06
C LEU A 409 -18.04 5.59 2.05
N VAL A 410 -18.17 5.86 3.35
CA VAL A 410 -17.53 5.05 4.39
C VAL A 410 -18.58 4.26 5.17
N PRO A 411 -18.74 2.96 4.92
CA PRO A 411 -19.54 2.13 5.82
C PRO A 411 -18.71 1.77 7.05
N LEU A 412 -19.27 1.99 8.23
N LEU A 412 -19.28 1.99 8.23
CA LEU A 412 -18.58 1.70 9.47
CA LEU A 412 -18.60 1.70 9.48
C LEU A 412 -18.87 0.26 9.85
C LEU A 412 -18.87 0.26 9.87
N ARG A 413 -17.79 -0.53 10.04
CA ARG A 413 -17.92 -1.95 10.30
C ARG A 413 -17.59 -2.21 11.76
N GLU A 414 -16.40 -2.68 12.08
CA GLU A 414 -16.10 -3.12 13.44
C GLU A 414 -16.05 -1.96 14.43
N LYS A 415 -16.60 -2.21 15.61
CA LYS A 415 -16.59 -1.25 16.69
C LYS A 415 -15.20 -1.16 17.31
N GLY A 416 -14.91 -0.01 17.90
CA GLY A 416 -13.64 0.22 18.56
C GLY A 416 -12.97 1.48 18.07
N ARG A 417 -11.84 1.77 18.68
N ARG A 417 -11.84 1.78 18.70
N ARG A 417 -11.85 1.79 18.70
CA ARG A 417 -11.06 2.96 18.34
CA ARG A 417 -11.06 2.96 18.34
CA ARG A 417 -11.07 2.97 18.35
C ARG A 417 -9.99 2.61 17.32
C ARG A 417 -10.00 2.61 17.32
C ARG A 417 -10.01 2.60 17.31
N THR A 418 -9.94 3.41 16.25
CA THR A 418 -8.96 3.21 15.19
C THR A 418 -8.50 4.58 14.72
N VAL A 419 -7.72 4.63 13.64
CA VAL A 419 -7.10 5.87 13.21
C VAL A 419 -7.27 6.08 11.70
N PHE A 420 -7.08 7.33 11.29
CA PHE A 420 -6.92 7.71 9.90
C PHE A 420 -5.73 8.65 9.83
N HIS A 421 -5.06 8.66 8.69
CA HIS A 421 -3.79 9.38 8.61
C HIS A 421 -3.29 9.38 7.19
N CYS A 422 -2.33 10.27 6.95
CA CYS A 422 -1.63 10.28 5.67
C CYS A 422 -0.69 9.08 5.58
N HIS A 423 -0.65 8.45 4.40
CA HIS A 423 0.23 7.30 4.26
C HIS A 423 1.57 7.65 3.63
N ILE A 424 1.89 8.94 3.52
CA ILE A 424 3.30 9.32 3.56
C ILE A 424 3.70 9.25 5.03
N VAL A 425 4.37 8.16 5.41
CA VAL A 425 4.38 7.76 6.81
C VAL A 425 5.15 8.75 7.68
N GLU A 426 6.13 9.45 7.09
CA GLU A 426 6.78 10.55 7.82
C GLU A 426 5.77 11.58 8.29
N HIS A 427 4.79 11.91 7.45
CA HIS A 427 3.75 12.86 7.85
C HIS A 427 2.89 12.30 8.99
N GLU A 428 2.58 11.00 8.94
N GLU A 428 2.56 11.01 8.94
CA GLU A 428 1.87 10.35 10.03
CA GLU A 428 1.86 10.38 10.05
C GLU A 428 2.65 10.47 11.33
C GLU A 428 2.67 10.52 11.35
N ASP A 429 3.95 10.15 11.29
CA ASP A 429 4.80 10.28 12.49
C ASP A 429 4.87 11.72 12.97
N ARG A 430 4.73 12.68 12.05
CA ARG A 430 4.83 14.10 12.39
C ARG A 430 3.47 14.73 12.64
N GLY A 431 2.41 13.95 12.77
CA GLY A 431 1.17 14.41 13.36
C GLY A 431 -0.07 14.32 12.49
N MET A 432 0.02 13.95 11.21
N MET A 432 0.03 13.98 11.21
CA MET A 432 -1.13 13.98 10.31
CA MET A 432 -1.13 13.97 10.32
C MET A 432 -1.96 12.70 10.47
C MET A 432 -1.90 12.67 10.50
N MET A 433 -2.58 12.59 11.64
CA MET A 433 -3.34 11.39 12.00
C MET A 433 -4.41 11.76 13.02
N GLY A 434 -5.55 11.07 12.96
CA GLY A 434 -6.65 11.33 13.87
C GLY A 434 -7.29 10.03 14.32
N VAL A 435 -8.20 10.16 15.28
CA VAL A 435 -8.80 9.02 15.96
C VAL A 435 -10.28 8.96 15.63
N LEU A 436 -10.74 7.79 15.19
CA LEU A 436 -12.15 7.50 14.97
C LEU A 436 -12.56 6.42 15.93
N GLU A 437 -13.64 6.65 16.66
CA GLU A 437 -14.24 5.68 17.54
C GLU A 437 -15.58 5.27 16.96
N VAL A 438 -15.79 3.96 16.80
CA VAL A 438 -17.03 3.43 16.26
C VAL A 438 -17.75 2.67 17.38
N GLY A 439 -18.99 3.06 17.65
CA GLY A 439 -19.76 2.45 18.71
C GLY A 439 -21.07 1.82 18.24
#